data_4DDN
#
_entry.id   4DDN
#
_cell.length_a   82.075
_cell.length_b   83.931
_cell.length_c   86.129
_cell.angle_alpha   90.00
_cell.angle_beta   90.00
_cell.angle_gamma   90.00
#
_symmetry.space_group_name_H-M   'P 21 21 21'
#
loop_
_entity.id
_entity.type
_entity.pdbx_description
1 polymer Ipomoelin
2 non-polymer 'methyl alpha-D-galactopyranoside'
3 water water
#
_entity_poly.entity_id   1
_entity_poly.type   'polypeptide(L)'
_entity_poly.pdbx_seq_one_letter_code
;HHHHHHMALQLAAHSDARSGPVGSNGGQFWSFRPVRPLNKIVLSFSGSPDQTLNLISITFSSNPTDIITVGGVGPEPLTY
TETVNIDGDIIEISGMIANYKGYNVIRSIKFTTNKKEYGPYGANAGTPFNIKIPDGNKIVGFFGNSGWYVDAIGAYYTAK
;
_entity_poly.pdbx_strand_id   A,B,C,D
#
loop_
_chem_comp.id
_chem_comp.type
_chem_comp.name
_chem_comp.formula
AMG D-saccharide 'methyl alpha-D-galactopyranoside' 'C7 H14 O6'
#
# COMPACT_ATOMS: atom_id res chain seq x y z
N MET A 7 -22.87 -14.99 9.35
CA MET A 7 -22.95 -15.72 8.03
C MET A 7 -22.27 -14.91 6.92
N ALA A 8 -21.06 -14.40 7.22
CA ALA A 8 -20.30 -13.60 6.25
C ALA A 8 -18.82 -13.96 6.14
N LEU A 9 -18.53 -14.81 5.14
CA LEU A 9 -17.17 -15.24 4.83
C LEU A 9 -16.27 -14.03 4.55
N GLN A 10 -15.06 -14.04 5.09
CA GLN A 10 -14.13 -12.94 4.83
C GLN A 10 -13.33 -13.31 3.58
N LEU A 11 -13.85 -12.87 2.44
CA LEU A 11 -13.22 -13.12 1.13
C LEU A 11 -12.33 -11.90 0.93
N ALA A 12 -11.05 -12.08 1.20
CA ALA A 12 -10.11 -10.97 1.15
C ALA A 12 -10.23 -10.13 -0.10
N ALA A 13 -10.34 -8.80 0.10
CA ALA A 13 -10.47 -7.88 -1.01
C ALA A 13 -9.09 -7.44 -1.49
N HIS A 14 -8.98 -7.18 -2.78
CA HIS A 14 -7.67 -6.85 -3.35
C HIS A 14 -7.36 -5.35 -3.58
N SER A 15 -6.07 -5.03 -3.65
CA SER A 15 -5.61 -3.67 -3.93
C SER A 15 -4.57 -3.79 -5.03
N ASP A 16 -4.70 -2.93 -6.06
CA ASP A 16 -3.81 -2.99 -7.23
C ASP A 16 -2.34 -2.69 -6.91
N ALA A 17 -1.45 -3.25 -7.73
CA ALA A 17 0.00 -3.04 -7.64
C ALA A 17 0.24 -1.55 -7.89
N ARG A 18 1.35 -1.03 -7.36
CA ARG A 18 1.68 0.39 -7.50
C ARG A 18 3.04 0.53 -8.15
N SER A 19 3.27 1.64 -8.85
CA SER A 19 4.58 1.91 -9.45
C SER A 19 4.90 3.32 -9.01
N GLY A 20 6.01 3.48 -8.29
CA GLY A 20 6.37 4.82 -7.82
C GLY A 20 6.02 4.93 -6.35
N PRO A 21 5.85 6.14 -5.84
CA PRO A 21 5.95 7.42 -6.54
C PRO A 21 7.36 7.93 -6.83
N VAL A 22 7.47 8.80 -7.85
CA VAL A 22 8.73 9.45 -8.18
C VAL A 22 8.47 10.94 -7.91
N GLY A 23 9.52 11.72 -7.70
CA GLY A 23 9.35 13.15 -7.43
C GLY A 23 9.79 13.47 -6.01
N SER A 24 8.98 14.19 -5.23
CA SER A 24 9.42 14.54 -3.88
C SER A 24 8.27 14.54 -2.87
N ASN A 25 8.60 14.37 -1.58
CA ASN A 25 7.56 14.45 -0.55
C ASN A 25 6.88 15.79 -0.64
N GLY A 26 5.55 15.79 -0.42
CA GLY A 26 4.71 17.00 -0.51
C GLY A 26 3.75 17.08 0.67
N GLY A 27 2.93 18.13 0.70
CA GLY A 27 2.05 18.33 1.83
C GLY A 27 1.03 17.26 2.11
N GLN A 28 0.36 16.84 1.03
CA GLN A 28 -0.67 15.83 1.11
C GLN A 28 -0.52 14.65 0.15
N PHE A 29 -0.86 13.47 0.64
CA PHE A 29 -0.92 12.26 -0.19
C PHE A 29 -2.25 12.40 -0.95
N TRP A 30 -2.28 11.97 -2.22
CA TRP A 30 -3.53 11.97 -2.97
C TRP A 30 -3.64 10.66 -3.72
N SER A 31 -4.87 10.25 -3.99
CA SER A 31 -5.07 9.00 -4.68
C SER A 31 -6.38 9.03 -5.44
N PHE A 32 -6.33 8.47 -6.66
CA PHE A 32 -7.48 8.41 -7.54
C PHE A 32 -7.37 7.19 -8.45
N ARG A 33 -8.16 6.17 -8.14
CA ARG A 33 -8.23 4.95 -8.99
C ARG A 33 -9.73 4.79 -9.21
N PRO A 34 -10.24 5.24 -10.37
CA PRO A 34 -11.68 5.11 -10.60
C PRO A 34 -12.01 3.75 -11.15
N VAL A 35 -13.28 3.37 -11.08
CA VAL A 35 -13.71 2.06 -11.53
C VAL A 35 -13.58 1.91 -13.04
N ARG A 36 -13.96 2.94 -13.78
CA ARG A 36 -13.87 2.91 -15.25
C ARG A 36 -12.53 3.54 -15.71
N PRO A 37 -12.09 3.33 -16.97
CA PRO A 37 -10.83 3.88 -17.49
C PRO A 37 -10.75 5.41 -17.42
N LEU A 38 -9.54 5.95 -17.20
CA LEU A 38 -9.34 7.38 -17.23
C LEU A 38 -9.54 7.79 -18.70
N ASN A 39 -10.25 8.88 -18.96
CA ASN A 39 -10.45 9.26 -20.36
C ASN A 39 -9.90 10.65 -20.64
N LYS A 40 -9.61 11.40 -19.58
CA LYS A 40 -9.11 12.76 -19.78
C LYS A 40 -8.24 13.26 -18.65
N ILE A 41 -7.20 13.99 -19.03
CA ILE A 41 -6.26 14.60 -18.06
C ILE A 41 -6.00 16.03 -18.50
N VAL A 42 -6.31 16.95 -17.60
CA VAL A 42 -6.08 18.38 -17.84
C VAL A 42 -4.88 18.88 -17.04
N LEU A 43 -3.88 19.44 -17.71
CA LEU A 43 -2.70 19.95 -16.97
C LEU A 43 -2.88 21.46 -16.89
N SER A 44 -2.75 22.03 -15.69
CA SER A 44 -2.91 23.46 -15.49
C SER A 44 -1.57 24.09 -15.15
N PHE A 45 -1.29 25.21 -15.82
CA PHE A 45 0.01 25.90 -15.67
C PHE A 45 -0.10 27.40 -15.41
N SER A 46 0.98 27.97 -14.89
CA SER A 46 1.12 29.41 -14.78
C SER A 46 2.20 29.65 -15.87
N GLY A 47 2.56 30.91 -16.15
CA GLY A 47 3.56 31.14 -17.18
C GLY A 47 2.94 31.19 -18.57
N SER A 48 3.71 30.88 -19.61
CA SER A 48 3.19 30.89 -20.98
C SER A 48 4.06 30.02 -21.87
N PRO A 49 3.45 29.47 -22.93
CA PRO A 49 4.12 28.60 -23.89
C PRO A 49 5.28 29.26 -24.63
N ASP A 50 5.17 30.55 -24.89
CA ASP A 50 6.24 31.24 -25.60
C ASP A 50 7.43 31.44 -24.67
N GLN A 51 7.21 31.35 -23.37
CA GLN A 51 8.31 31.50 -22.41
C GLN A 51 8.44 30.15 -21.69
N THR A 52 8.07 30.09 -20.42
CA THR A 52 8.14 28.82 -19.70
C THR A 52 6.83 28.51 -18.98
N LEU A 53 6.37 27.29 -19.15
CA LEU A 53 5.14 26.84 -18.52
C LEU A 53 5.42 26.23 -17.14
N ASN A 54 4.72 26.70 -16.11
CA ASN A 54 4.90 26.17 -14.76
C ASN A 54 3.73 25.26 -14.41
N LEU A 55 3.98 23.95 -14.42
CA LEU A 55 2.91 23.01 -14.09
C LEU A 55 2.52 23.27 -12.65
N ILE A 56 1.22 23.49 -12.43
CA ILE A 56 0.69 23.74 -11.11
C ILE A 56 -0.28 22.63 -10.61
N SER A 57 -1.16 22.12 -11.47
CA SER A 57 -2.07 21.08 -11.02
C SER A 57 -2.44 20.19 -12.17
N ILE A 58 -2.99 19.02 -11.82
CA ILE A 58 -3.40 18.03 -12.82
C ILE A 58 -4.82 17.62 -12.43
N THR A 59 -5.70 17.46 -13.42
CA THR A 59 -7.08 17.05 -13.11
C THR A 59 -7.27 15.72 -13.86
N PHE A 60 -7.56 14.64 -13.15
CA PHE A 60 -7.78 13.35 -13.79
C PHE A 60 -9.29 13.10 -13.81
N SER A 61 -9.85 12.54 -14.87
CA SER A 61 -11.27 12.23 -14.83
C SER A 61 -11.58 10.95 -15.59
N SER A 62 -12.71 10.36 -15.25
CA SER A 62 -13.19 9.15 -15.90
C SER A 62 -14.69 9.32 -16.10
N ASN A 63 -15.14 9.06 -17.33
CA ASN A 63 -16.57 9.17 -17.64
C ASN A 63 -17.41 8.28 -16.72
N PRO A 64 -18.59 8.77 -16.32
CA PRO A 64 -19.09 10.09 -16.75
C PRO A 64 -18.80 11.29 -15.85
N THR A 65 -18.59 11.06 -14.54
CA THR A 65 -18.36 12.16 -13.62
C THR A 65 -17.21 12.08 -12.59
N ASP A 66 -16.42 11.01 -12.59
CA ASP A 66 -15.33 10.89 -11.61
C ASP A 66 -14.22 11.86 -11.96
N ILE A 67 -13.75 12.59 -10.96
CA ILE A 67 -12.72 13.58 -11.25
C ILE A 67 -12.00 14.00 -9.98
N ILE A 68 -10.74 14.41 -10.14
CA ILE A 68 -9.97 14.85 -9.01
C ILE A 68 -8.94 15.84 -9.54
N THR A 69 -8.63 16.82 -8.71
CA THR A 69 -7.61 17.80 -9.06
C THR A 69 -6.61 17.78 -7.89
N VAL A 70 -5.34 17.70 -8.23
CA VAL A 70 -4.26 17.65 -7.26
C VAL A 70 -3.25 18.74 -7.65
N GLY A 71 -2.70 19.39 -6.64
CA GLY A 71 -1.82 20.54 -6.85
C GLY A 71 -2.80 21.73 -6.96
N GLY A 72 -2.31 22.97 -7.02
CA GLY A 72 -3.22 24.09 -7.24
C GLY A 72 -3.86 24.71 -6.02
N VAL A 73 -3.48 24.28 -4.83
CA VAL A 73 -4.10 24.82 -3.63
C VAL A 73 -3.47 26.12 -3.13
N GLY A 74 -2.44 26.58 -3.84
CA GLY A 74 -1.78 27.83 -3.50
C GLY A 74 -2.47 29.02 -4.18
N PRO A 75 -1.96 30.23 -4.00
CA PRO A 75 -2.51 31.46 -4.58
C PRO A 75 -2.16 31.82 -6.02
N GLU A 76 -1.14 31.19 -6.58
CA GLU A 76 -0.76 31.53 -7.93
C GLU A 76 -1.90 31.31 -8.94
N PRO A 77 -2.25 32.37 -9.71
CA PRO A 77 -3.34 32.18 -10.69
C PRO A 77 -2.88 31.37 -11.90
N LEU A 78 -3.77 30.49 -12.40
CA LEU A 78 -3.45 29.67 -13.57
C LEU A 78 -3.57 30.52 -14.83
N THR A 79 -2.72 30.27 -15.84
CA THR A 79 -2.77 31.02 -17.10
C THR A 79 -2.88 30.14 -18.34
N TYR A 80 -2.67 28.83 -18.20
CA TYR A 80 -2.73 27.98 -19.38
C TYR A 80 -3.12 26.53 -19.02
N THR A 81 -3.73 25.81 -19.94
CA THR A 81 -4.06 24.43 -19.65
C THR A 81 -3.85 23.60 -20.88
N GLU A 82 -3.55 22.33 -20.67
CA GLU A 82 -3.35 21.43 -21.78
C GLU A 82 -4.31 20.31 -21.49
N THR A 83 -5.12 19.95 -22.48
CA THR A 83 -6.09 18.88 -22.32
C THR A 83 -5.66 17.64 -23.10
N VAL A 84 -5.54 16.53 -22.38
CA VAL A 84 -5.14 15.26 -22.97
C VAL A 84 -6.36 14.32 -23.02
N ASN A 85 -6.79 13.98 -24.23
CA ASN A 85 -7.93 13.08 -24.41
C ASN A 85 -7.36 11.70 -24.64
N ILE A 86 -7.47 10.87 -23.62
CA ILE A 86 -6.93 9.54 -23.63
C ILE A 86 -7.69 8.54 -24.46
N ASP A 87 -6.97 7.95 -25.39
CA ASP A 87 -7.52 6.94 -26.26
C ASP A 87 -6.91 5.59 -25.85
N GLY A 88 -7.68 4.80 -25.09
CA GLY A 88 -7.21 3.50 -24.67
C GLY A 88 -6.64 3.49 -23.27
N ASP A 89 -5.76 2.55 -22.98
CA ASP A 89 -5.15 2.45 -21.67
C ASP A 89 -3.75 3.03 -21.60
N ILE A 90 -3.49 3.81 -20.56
CA ILE A 90 -2.17 4.36 -20.42
C ILE A 90 -1.25 3.22 -19.97
N ILE A 91 -0.05 3.13 -20.56
CA ILE A 91 0.88 2.10 -20.13
C ILE A 91 2.19 2.65 -19.63
N GLU A 92 2.45 3.93 -19.84
CA GLU A 92 3.71 4.52 -19.40
C GLU A 92 3.58 6.05 -19.27
N ILE A 93 4.37 6.62 -18.38
CA ILE A 93 4.36 8.08 -18.18
C ILE A 93 5.80 8.45 -17.96
N SER A 94 6.18 9.64 -18.39
CA SER A 94 7.56 10.09 -18.19
C SER A 94 7.47 11.60 -18.04
N GLY A 95 8.59 12.20 -17.69
CA GLY A 95 8.63 13.64 -17.54
C GLY A 95 9.93 14.10 -16.89
N MET A 96 9.90 15.31 -16.36
CA MET A 96 11.04 15.93 -15.70
C MET A 96 10.64 16.50 -14.36
N ILE A 97 11.59 16.51 -13.44
CA ILE A 97 11.40 17.07 -12.12
C ILE A 97 12.41 18.19 -11.96
N ALA A 98 11.98 19.36 -11.49
CA ALA A 98 12.92 20.46 -11.24
C ALA A 98 12.36 21.44 -10.26
N ASN A 99 13.23 22.29 -9.78
CA ASN A 99 12.83 23.26 -8.79
C ASN A 99 11.83 24.34 -9.33
N TYR A 100 10.84 24.67 -8.51
CA TYR A 100 9.88 25.72 -8.81
C TYR A 100 9.54 26.45 -7.52
N LYS A 101 9.93 27.71 -7.47
CA LYS A 101 9.68 28.52 -6.30
C LYS A 101 10.02 27.83 -4.97
N GLY A 102 11.18 27.20 -4.94
CA GLY A 102 11.66 26.57 -3.71
C GLY A 102 11.27 25.11 -3.50
N TYR A 103 10.59 24.49 -4.45
CA TYR A 103 10.19 23.08 -4.30
C TYR A 103 10.49 22.31 -5.55
N ASN A 104 11.01 21.10 -5.39
CA ASN A 104 11.26 20.25 -6.57
C ASN A 104 9.90 19.63 -6.93
N VAL A 105 9.41 19.91 -8.13
CA VAL A 105 8.08 19.41 -8.52
C VAL A 105 8.07 18.75 -9.92
N ILE A 106 6.96 18.11 -10.25
CA ILE A 106 6.82 17.53 -11.59
C ILE A 106 6.70 18.80 -12.46
N ARG A 107 7.53 18.91 -13.48
CA ARG A 107 7.54 20.08 -14.38
C ARG A 107 7.04 19.79 -15.79
N SER A 108 7.11 18.53 -16.18
CA SER A 108 6.64 18.11 -17.51
C SER A 108 6.18 16.67 -17.40
N ILE A 109 5.22 16.31 -18.22
CA ILE A 109 4.71 14.96 -18.20
C ILE A 109 4.25 14.53 -19.61
N LYS A 110 4.47 13.25 -19.89
CA LYS A 110 4.13 12.61 -21.16
C LYS A 110 3.40 11.32 -20.88
N PHE A 111 2.25 11.12 -21.51
CA PHE A 111 1.49 9.91 -21.33
C PHE A 111 1.58 9.03 -22.58
N THR A 112 1.80 7.75 -22.38
CA THR A 112 1.89 6.82 -23.49
C THR A 112 0.84 5.71 -23.40
N THR A 113 0.07 5.50 -24.46
CA THR A 113 -0.92 4.42 -24.47
C THR A 113 -0.40 3.38 -25.45
N ASN A 114 -1.18 2.33 -25.65
CA ASN A 114 -0.82 1.24 -26.57
C ASN A 114 -0.65 1.74 -28.01
N LYS A 115 -1.39 2.79 -28.37
CA LYS A 115 -1.34 3.30 -29.73
C LYS A 115 -0.85 4.74 -29.91
N LYS A 116 -0.77 5.52 -28.84
CA LYS A 116 -0.37 6.93 -28.96
C LYS A 116 0.41 7.55 -27.80
N GLU A 117 1.14 8.61 -28.11
CA GLU A 117 1.93 9.34 -27.11
C GLU A 117 1.39 10.75 -27.02
N TYR A 118 1.27 11.25 -25.79
CA TYR A 118 0.78 12.61 -25.60
C TYR A 118 1.79 13.38 -24.78
N GLY A 119 2.39 14.38 -25.39
CA GLY A 119 3.35 15.19 -24.69
C GLY A 119 4.77 14.96 -25.17
N PRO A 120 5.77 15.32 -24.36
CA PRO A 120 5.63 15.90 -23.02
C PRO A 120 5.08 17.32 -23.04
N TYR A 121 4.32 17.66 -22.01
CA TYR A 121 3.77 19.01 -21.85
C TYR A 121 4.41 19.66 -20.63
N GLY A 122 4.62 20.97 -20.69
CA GLY A 122 5.24 21.68 -19.58
C GLY A 122 6.65 22.19 -19.88
N ALA A 123 7.50 22.23 -18.86
CA ALA A 123 8.86 22.73 -19.01
C ALA A 123 9.72 21.47 -18.99
N ASN A 124 10.13 20.98 -20.15
CA ASN A 124 10.86 19.70 -20.24
C ASN A 124 12.36 19.73 -19.95
N ALA A 125 12.71 20.24 -18.77
CA ALA A 125 14.08 20.32 -18.37
C ALA A 125 14.20 19.87 -16.91
N GLY A 126 15.29 19.19 -16.57
CA GLY A 126 15.44 18.77 -15.19
C GLY A 126 15.92 17.33 -15.06
N THR A 127 15.41 16.65 -14.04
CA THR A 127 15.74 15.26 -13.74
C THR A 127 14.63 14.42 -14.28
N PRO A 128 14.95 13.49 -15.19
CA PRO A 128 13.87 12.66 -15.75
C PRO A 128 13.34 11.57 -14.83
N PHE A 129 12.07 11.22 -15.05
CA PHE A 129 11.41 10.15 -14.31
C PHE A 129 10.67 9.31 -15.35
N ASN A 130 10.38 8.06 -15.02
CA ASN A 130 9.72 7.19 -15.98
C ASN A 130 8.93 6.12 -15.23
N ILE A 131 7.64 6.05 -15.46
CA ILE A 131 6.86 5.02 -14.81
C ILE A 131 6.50 4.05 -15.91
N LYS A 132 6.95 2.80 -15.80
CA LYS A 132 6.67 1.76 -16.78
C LYS A 132 6.09 0.57 -16.03
N ILE A 133 5.27 -0.23 -16.72
CA ILE A 133 4.63 -1.38 -16.09
C ILE A 133 4.87 -2.63 -16.92
N PRO A 134 4.62 -3.81 -16.36
CA PRO A 134 4.83 -5.08 -17.08
C PRO A 134 4.03 -5.16 -18.35
N ASP A 135 4.55 -5.90 -19.32
CA ASP A 135 3.83 -6.06 -20.57
C ASP A 135 2.48 -6.66 -20.22
N GLY A 136 1.46 -6.29 -20.99
CA GLY A 136 0.13 -6.81 -20.77
C GLY A 136 -0.63 -6.24 -19.58
N ASN A 137 -0.16 -5.12 -19.04
CA ASN A 137 -0.82 -4.45 -17.92
C ASN A 137 -1.28 -3.08 -18.35
N LYS A 138 -2.14 -2.46 -17.55
CA LYS A 138 -2.65 -1.14 -17.89
C LYS A 138 -2.62 -0.30 -16.66
N ILE A 139 -2.47 1.02 -16.84
CA ILE A 139 -2.54 1.92 -15.71
C ILE A 139 -4.02 2.21 -15.46
N VAL A 140 -4.46 2.07 -14.21
CA VAL A 140 -5.87 2.26 -13.87
C VAL A 140 -6.13 3.38 -12.86
N GLY A 141 -5.06 4.04 -12.42
CA GLY A 141 -5.22 5.15 -11.48
C GLY A 141 -3.89 5.79 -11.18
N PHE A 142 -3.89 6.90 -10.43
CA PHE A 142 -2.65 7.58 -10.08
C PHE A 142 -2.71 7.97 -8.61
N PHE A 143 -1.54 8.21 -8.01
CA PHE A 143 -1.50 8.66 -6.62
C PHE A 143 -0.20 9.48 -6.54
N GLY A 144 -0.02 10.25 -5.47
CA GLY A 144 1.20 11.02 -5.34
C GLY A 144 1.16 11.90 -4.12
N ASN A 145 1.92 13.00 -4.16
CA ASN A 145 1.89 13.98 -3.10
C ASN A 145 1.69 15.30 -3.84
N SER A 146 1.06 16.26 -3.17
CA SER A 146 0.89 17.59 -3.78
C SER A 146 0.63 18.64 -2.71
N GLY A 147 0.75 19.89 -3.13
CA GLY A 147 0.57 21.00 -2.23
C GLY A 147 0.20 22.12 -3.20
N TRP A 148 0.99 23.18 -3.25
CA TRP A 148 0.70 24.26 -4.18
C TRP A 148 0.94 23.72 -5.58
N TYR A 149 1.87 22.76 -5.69
CA TYR A 149 2.25 22.14 -6.97
C TYR A 149 2.08 20.61 -6.91
N VAL A 150 2.43 19.90 -8.00
CA VAL A 150 2.35 18.42 -7.98
C VAL A 150 3.75 17.97 -7.61
N ASP A 151 3.87 17.37 -6.43
CA ASP A 151 5.21 16.99 -5.91
C ASP A 151 5.72 15.61 -6.28
N ALA A 152 4.83 14.61 -6.25
CA ALA A 152 5.24 13.24 -6.56
C ALA A 152 4.06 12.59 -7.26
N ILE A 153 4.33 11.58 -8.08
CA ILE A 153 3.29 10.87 -8.79
C ILE A 153 3.65 9.40 -8.95
N GLY A 154 2.66 8.53 -8.84
CA GLY A 154 2.86 7.09 -9.02
C GLY A 154 1.58 6.58 -9.70
N ALA A 155 1.55 5.33 -10.14
CA ALA A 155 0.37 4.80 -10.80
C ALA A 155 -0.07 3.46 -10.24
N TYR A 156 -1.36 3.18 -10.38
CA TYR A 156 -1.89 1.87 -9.99
C TYR A 156 -1.95 1.10 -11.31
N TYR A 157 -1.60 -0.18 -11.27
CA TYR A 157 -1.70 -0.95 -12.50
C TYR A 157 -2.20 -2.35 -12.27
N THR A 158 -2.70 -2.96 -13.34
CA THR A 158 -3.22 -4.29 -13.20
C THR A 158 -3.24 -4.90 -14.60
N ALA A 159 -3.46 -6.20 -14.65
CA ALA A 159 -3.46 -6.88 -15.89
C ALA A 159 -4.57 -6.57 -16.86
N LYS A 160 -4.15 -6.60 -18.13
CA LYS A 160 -5.01 -6.53 -19.26
C LYS A 160 -5.71 -5.22 -19.42
N MET B 7 19.80 16.81 -11.05
CA MET B 7 20.14 16.18 -9.74
C MET B 7 19.13 16.42 -8.58
N ALA B 8 17.84 16.45 -8.90
CA ALA B 8 16.80 16.62 -7.91
C ALA B 8 16.96 15.54 -6.81
N LEU B 9 16.96 15.96 -5.54
CA LEU B 9 17.05 15.02 -4.42
C LEU B 9 15.84 14.06 -4.45
N GLN B 10 16.04 12.74 -4.29
CA GLN B 10 14.86 11.84 -4.21
C GLN B 10 14.41 11.81 -2.75
N LEU B 11 13.55 12.76 -2.44
CA LEU B 11 13.02 12.94 -1.09
C LEU B 11 11.79 12.07 -1.08
N ALA B 12 11.97 10.84 -0.58
CA ALA B 12 10.90 9.83 -0.53
C ALA B 12 9.51 10.43 -0.17
N ALA B 13 8.52 10.18 -1.02
CA ALA B 13 7.17 10.71 -0.82
C ALA B 13 6.31 9.71 -0.03
N HIS B 14 5.41 10.24 0.78
CA HIS B 14 4.61 9.40 1.66
C HIS B 14 3.24 8.97 1.18
N SER B 15 2.78 7.83 1.70
CA SER B 15 1.45 7.32 1.37
C SER B 15 0.83 7.08 2.70
N ASP B 16 -0.41 7.53 2.86
CA ASP B 16 -1.05 7.37 4.18
C ASP B 16 -1.29 5.93 4.62
N ALA B 17 -1.34 5.78 5.94
CA ALA B 17 -1.59 4.51 6.63
C ALA B 17 -2.99 4.13 6.16
N ARG B 18 -3.28 2.83 6.12
CA ARG B 18 -4.58 2.30 5.68
C ARG B 18 -5.24 1.46 6.76
N SER B 19 -6.57 1.46 6.78
CA SER B 19 -7.35 0.66 7.72
C SER B 19 -8.32 -0.15 6.86
N GLY B 20 -8.26 -1.46 6.95
CA GLY B 20 -9.13 -2.30 6.15
C GLY B 20 -8.39 -2.82 4.91
N PRO B 21 -9.12 -3.19 3.86
CA PRO B 21 -10.57 -3.10 3.82
C PRO B 21 -11.35 -4.18 4.54
N VAL B 22 -12.65 -3.93 4.71
CA VAL B 22 -13.54 -4.92 5.30
C VAL B 22 -14.56 -5.19 4.22
N GLY B 23 -15.29 -6.28 4.32
CA GLY B 23 -16.22 -6.60 3.25
C GLY B 23 -15.68 -7.79 2.46
N SER B 24 -15.82 -7.74 1.14
CA SER B 24 -15.37 -8.87 0.32
C SER B 24 -14.81 -8.41 -1.01
N ASN B 25 -14.06 -9.31 -1.63
CA ASN B 25 -13.45 -9.05 -2.95
C ASN B 25 -14.49 -8.75 -3.99
N GLY B 26 -14.23 -7.71 -4.78
CA GLY B 26 -15.14 -7.28 -5.81
C GLY B 26 -14.43 -7.10 -7.15
N GLY B 27 -15.21 -6.74 -8.15
CA GLY B 27 -14.68 -6.61 -9.50
C GLY B 27 -13.50 -5.66 -9.72
N GLN B 28 -13.58 -4.47 -9.17
CA GLN B 28 -12.48 -3.50 -9.35
C GLN B 28 -12.05 -2.92 -8.01
N PHE B 29 -10.77 -2.56 -7.93
CA PHE B 29 -10.22 -1.85 -6.78
C PHE B 29 -10.58 -0.36 -7.12
N TRP B 30 -10.93 0.44 -6.10
CA TRP B 30 -11.22 1.88 -6.33
C TRP B 30 -10.52 2.60 -5.21
N SER B 31 -10.17 3.87 -5.42
CA SER B 31 -9.45 4.62 -4.38
C SER B 31 -9.75 6.11 -4.55
N PHE B 32 -9.97 6.82 -3.44
CA PHE B 32 -10.27 8.27 -3.54
C PHE B 32 -9.76 8.99 -2.29
N ARG B 33 -8.62 9.66 -2.40
CA ARG B 33 -8.08 10.40 -1.26
C ARG B 33 -7.77 11.79 -1.83
N PRO B 34 -8.71 12.72 -1.67
CA PRO B 34 -8.54 14.09 -2.18
C PRO B 34 -7.67 14.93 -1.29
N VAL B 35 -7.16 16.04 -1.81
CA VAL B 35 -6.27 16.86 -1.01
C VAL B 35 -7.03 17.79 -0.07
N ARG B 36 -8.28 18.06 -0.36
CA ARG B 36 -9.07 18.90 0.53
C ARG B 36 -9.96 17.93 1.29
N PRO B 37 -10.60 18.41 2.38
CA PRO B 37 -11.46 17.50 3.14
C PRO B 37 -12.66 16.95 2.36
N LEU B 38 -13.07 15.74 2.72
CA LEU B 38 -14.24 15.09 2.14
C LEU B 38 -15.37 15.84 2.80
N ASN B 39 -16.29 16.41 2.05
CA ASN B 39 -17.35 17.15 2.71
C ASN B 39 -18.73 16.66 2.38
N LYS B 40 -18.84 15.72 1.46
CA LYS B 40 -20.15 15.23 1.09
C LYS B 40 -20.09 13.80 0.66
N ILE B 41 -21.04 12.99 1.14
CA ILE B 41 -21.12 11.59 0.75
C ILE B 41 -22.56 11.28 0.39
N VAL B 42 -22.81 10.80 -0.84
CA VAL B 42 -24.16 10.46 -1.21
C VAL B 42 -24.25 8.92 -1.32
N LEU B 43 -25.19 8.32 -0.58
CA LEU B 43 -25.37 6.86 -0.60
C LEU B 43 -26.58 6.58 -1.47
N SER B 44 -26.42 5.76 -2.50
CA SER B 44 -27.56 5.47 -3.35
C SER B 44 -28.08 4.06 -3.13
N PHE B 45 -29.41 3.97 -3.00
CA PHE B 45 -30.08 2.71 -2.69
C PHE B 45 -31.21 2.34 -3.62
N SER B 46 -31.55 1.06 -3.61
CA SER B 46 -32.77 0.60 -4.30
C SER B 46 -33.68 0.26 -3.09
N GLY B 47 -34.94 -0.11 -3.30
CA GLY B 47 -35.81 -0.43 -2.17
C GLY B 47 -36.41 0.85 -1.61
N SER B 48 -36.77 0.89 -0.32
CA SER B 48 -37.30 2.13 0.24
C SER B 48 -37.08 2.24 1.75
N PRO B 49 -37.07 3.47 2.27
CA PRO B 49 -36.85 3.66 3.70
C PRO B 49 -37.90 2.96 4.55
N ASP B 50 -39.14 3.03 4.11
CA ASP B 50 -40.21 2.39 4.88
C ASP B 50 -40.06 0.89 4.92
N GLN B 51 -39.35 0.33 3.95
CA GLN B 51 -39.18 -1.13 3.91
C GLN B 51 -37.74 -1.49 4.21
N THR B 52 -37.02 -1.89 3.17
CA THR B 52 -35.61 -2.23 3.29
C THR B 52 -34.82 -1.44 2.23
N LEU B 53 -33.76 -0.79 2.66
CA LEU B 53 -32.91 -0.02 1.76
C LEU B 53 -31.71 -0.88 1.33
N ASN B 54 -31.48 -0.99 0.03
CA ASN B 54 -30.35 -1.79 -0.48
C ASN B 54 -29.24 -0.89 -1.00
N LEU B 55 -28.14 -0.77 -0.25
CA LEU B 55 -27.04 0.09 -0.70
C LEU B 55 -26.49 -0.44 -2.04
N ILE B 56 -26.44 0.44 -3.05
CA ILE B 56 -25.97 0.10 -4.38
C ILE B 56 -24.66 0.82 -4.71
N SER B 57 -24.61 2.13 -4.47
CA SER B 57 -23.40 2.86 -4.77
C SER B 57 -23.18 4.01 -3.78
N ILE B 58 -21.96 4.53 -3.78
CA ILE B 58 -21.61 5.64 -2.89
C ILE B 58 -20.86 6.63 -3.71
N THR B 59 -21.19 7.90 -3.52
CA THR B 59 -20.47 8.97 -4.21
C THR B 59 -19.76 9.82 -3.18
N PHE B 60 -18.44 9.88 -3.25
CA PHE B 60 -17.64 10.68 -2.33
C PHE B 60 -17.21 11.96 -3.02
N SER B 61 -17.26 13.11 -2.35
CA SER B 61 -16.79 14.33 -2.99
C SER B 61 -16.07 15.29 -2.04
N SER B 62 -15.25 16.15 -2.63
CA SER B 62 -14.52 17.16 -1.87
C SER B 62 -14.61 18.46 -2.72
N ASN B 63 -15.05 19.54 -2.09
CA ASN B 63 -15.16 20.81 -2.80
C ASN B 63 -13.80 21.26 -3.26
N PRO B 64 -13.75 21.95 -4.41
CA PRO B 64 -14.93 22.29 -5.21
C PRO B 64 -15.45 21.30 -6.25
N THR B 65 -14.55 20.50 -6.83
CA THR B 65 -14.99 19.60 -7.88
C THR B 65 -14.55 18.11 -7.80
N ASP B 66 -13.84 17.68 -6.75
CA ASP B 66 -13.42 16.27 -6.67
C ASP B 66 -14.62 15.34 -6.40
N ILE B 67 -14.73 14.26 -7.17
CA ILE B 67 -15.82 13.35 -6.95
C ILE B 67 -15.56 11.98 -7.51
N ILE B 68 -16.17 10.98 -6.87
CA ILE B 68 -16.04 9.63 -7.39
C ILE B 68 -17.29 8.86 -7.00
N THR B 69 -17.71 7.95 -7.87
CA THR B 69 -18.85 7.10 -7.57
C THR B 69 -18.38 5.66 -7.76
N VAL B 70 -18.73 4.82 -6.77
CA VAL B 70 -18.33 3.41 -6.79
C VAL B 70 -19.57 2.54 -6.56
N GLY B 71 -19.65 1.41 -7.27
CA GLY B 71 -20.84 0.57 -7.20
C GLY B 71 -21.80 1.12 -8.26
N GLY B 72 -22.97 0.47 -8.43
CA GLY B 72 -23.99 0.94 -9.34
C GLY B 72 -23.87 0.62 -10.83
N VAL B 73 -22.89 -0.22 -11.17
CA VAL B 73 -22.60 -0.60 -12.57
C VAL B 73 -23.70 -1.46 -13.21
N GLY B 74 -24.40 -2.22 -12.37
CA GLY B 74 -25.44 -3.15 -12.83
C GLY B 74 -26.80 -2.62 -13.25
N PRO B 75 -27.72 -3.51 -13.66
CA PRO B 75 -29.07 -3.13 -14.13
C PRO B 75 -30.11 -2.68 -13.13
N GLU B 76 -29.83 -2.78 -11.85
CA GLU B 76 -30.85 -2.39 -10.89
C GLU B 76 -31.05 -0.86 -10.77
N PRO B 77 -32.31 -0.39 -10.87
CA PRO B 77 -32.55 1.04 -10.77
C PRO B 77 -32.48 1.56 -9.31
N LEU B 78 -31.92 2.74 -9.16
CA LEU B 78 -31.79 3.39 -7.87
C LEU B 78 -33.11 4.05 -7.49
N THR B 79 -33.50 4.02 -6.21
CA THR B 79 -34.76 4.66 -5.81
C THR B 79 -34.66 5.69 -4.67
N TYR B 80 -33.58 5.67 -3.91
CA TYR B 80 -33.50 6.55 -2.76
C TYR B 80 -32.06 6.94 -2.57
N THR B 81 -31.80 8.15 -2.08
CA THR B 81 -30.44 8.56 -1.80
C THR B 81 -30.43 9.28 -0.47
N GLU B 82 -29.33 9.15 0.25
CA GLU B 82 -29.14 9.81 1.52
C GLU B 82 -27.91 10.67 1.31
N THR B 83 -28.05 11.98 1.50
CA THR B 83 -26.94 12.88 1.31
C THR B 83 -26.40 13.31 2.67
N VAL B 84 -25.11 13.04 2.89
CA VAL B 84 -24.44 13.34 4.13
C VAL B 84 -23.50 14.54 3.94
N ASN B 85 -23.76 15.65 4.62
CA ASN B 85 -22.90 16.82 4.54
C ASN B 85 -22.03 16.73 5.79
N ILE B 86 -20.77 16.37 5.57
CA ILE B 86 -19.81 16.14 6.64
C ILE B 86 -19.32 17.40 7.32
N ASP B 87 -19.48 17.46 8.64
CA ASP B 87 -19.01 18.57 9.44
C ASP B 87 -17.93 18.06 10.40
N GLY B 88 -16.69 18.49 10.18
CA GLY B 88 -15.59 18.06 11.01
C GLY B 88 -14.79 16.95 10.33
N ASP B 89 -13.73 16.47 10.96
CA ASP B 89 -12.88 15.41 10.41
C ASP B 89 -13.52 14.07 10.68
N ILE B 90 -13.62 13.19 9.67
CA ILE B 90 -14.16 11.87 9.91
C ILE B 90 -13.12 11.12 10.76
N ILE B 91 -13.56 10.45 11.80
CA ILE B 91 -12.63 9.72 12.66
C ILE B 91 -13.01 8.27 12.80
N GLU B 92 -14.21 7.88 12.37
CA GLU B 92 -14.64 6.48 12.53
C GLU B 92 -15.77 6.09 11.57
N ILE B 93 -15.77 4.84 11.12
CA ILE B 93 -16.83 4.37 10.23
C ILE B 93 -17.26 3.01 10.72
N SER B 94 -18.53 2.68 10.57
CA SER B 94 -19.00 1.39 11.02
C SER B 94 -20.21 1.04 10.17
N GLY B 95 -20.66 -0.20 10.27
CA GLY B 95 -21.80 -0.61 9.47
C GLY B 95 -21.97 -2.10 9.54
N MET B 96 -22.70 -2.63 8.55
CA MET B 96 -23.00 -4.05 8.47
C MET B 96 -22.70 -4.55 7.07
N ILE B 97 -22.37 -5.83 6.99
CA ILE B 97 -22.07 -6.53 5.74
C ILE B 97 -23.07 -7.68 5.70
N ALA B 98 -23.72 -7.93 4.57
CA ALA B 98 -24.63 -9.06 4.49
C ALA B 98 -24.80 -9.43 3.04
N ASN B 99 -25.39 -10.59 2.79
CA ASN B 99 -25.55 -11.02 1.43
C ASN B 99 -26.66 -10.25 0.71
N TYR B 100 -26.41 -9.86 -0.54
CA TYR B 100 -27.40 -9.17 -1.38
C TYR B 100 -27.26 -9.78 -2.75
N LYS B 101 -28.32 -10.47 -3.16
CA LYS B 101 -28.37 -11.16 -4.46
C LYS B 101 -27.14 -12.01 -4.76
N GLY B 102 -26.70 -12.75 -3.76
CA GLY B 102 -25.57 -13.63 -3.97
C GLY B 102 -24.19 -13.07 -3.69
N TYR B 103 -24.10 -11.82 -3.25
CA TYR B 103 -22.79 -11.24 -2.95
C TYR B 103 -22.80 -10.70 -1.54
N ASN B 104 -21.69 -10.82 -0.80
CA ASN B 104 -21.68 -10.23 0.53
C ASN B 104 -21.21 -8.82 0.31
N VAL B 105 -22.03 -7.86 0.69
CA VAL B 105 -21.70 -6.47 0.43
C VAL B 105 -21.88 -5.56 1.63
N ILE B 106 -21.37 -4.33 1.51
CA ILE B 106 -21.57 -3.31 2.54
C ILE B 106 -23.06 -3.00 2.42
N ARG B 107 -23.80 -3.18 3.52
CA ARG B 107 -25.26 -2.96 3.54
C ARG B 107 -25.71 -1.69 4.28
N SER B 108 -24.92 -1.24 5.27
CA SER B 108 -25.23 -0.01 6.00
C SER B 108 -23.92 0.63 6.36
N ILE B 109 -23.96 1.93 6.60
CA ILE B 109 -22.76 2.63 6.96
C ILE B 109 -23.06 3.85 7.82
N LYS B 110 -22.21 4.07 8.81
CA LYS B 110 -22.36 5.19 9.71
C LYS B 110 -21.01 5.92 9.76
N PHE B 111 -21.05 7.24 9.61
CA PHE B 111 -19.83 8.05 9.63
C PHE B 111 -19.82 8.89 10.88
N THR B 112 -18.71 8.84 11.60
CA THR B 112 -18.57 9.62 12.82
C THR B 112 -17.44 10.63 12.69
N THR B 113 -17.73 11.92 12.86
CA THR B 113 -16.68 12.92 12.80
C THR B 113 -16.40 13.36 14.23
N ASN B 114 -15.49 14.29 14.39
CA ASN B 114 -15.21 14.79 15.72
C ASN B 114 -16.35 15.68 16.21
N LYS B 115 -17.33 15.99 15.36
CA LYS B 115 -18.42 16.86 15.80
C LYS B 115 -19.78 16.21 15.84
N LYS B 116 -20.02 15.25 14.94
CA LYS B 116 -21.32 14.59 14.85
C LYS B 116 -21.19 13.18 14.27
N GLU B 117 -22.30 12.45 14.28
CA GLU B 117 -22.36 11.15 13.66
C GLU B 117 -23.51 11.19 12.68
N TYR B 118 -23.37 10.39 11.64
CA TYR B 118 -24.36 10.33 10.58
C TYR B 118 -24.68 8.88 10.27
N GLY B 119 -25.91 8.48 10.55
CA GLY B 119 -26.31 7.13 10.22
C GLY B 119 -26.58 6.29 11.44
N PRO B 120 -26.57 4.96 11.32
CA PRO B 120 -26.31 4.20 10.09
C PRO B 120 -27.37 4.36 9.02
N TYR B 121 -26.94 4.32 7.77
CA TYR B 121 -27.86 4.42 6.65
C TYR B 121 -27.80 3.11 5.89
N GLY B 122 -28.98 2.58 5.59
CA GLY B 122 -29.08 1.33 4.85
C GLY B 122 -29.86 0.28 5.64
N ALA B 123 -29.52 -0.98 5.43
CA ALA B 123 -30.15 -2.11 6.10
C ALA B 123 -29.16 -2.54 7.16
N ASN B 124 -29.43 -2.17 8.40
CA ASN B 124 -28.51 -2.45 9.51
C ASN B 124 -28.73 -3.81 10.12
N ALA B 125 -28.30 -4.82 9.38
CA ALA B 125 -28.43 -6.19 9.82
C ALA B 125 -27.31 -6.94 9.13
N GLY B 126 -26.84 -8.00 9.78
CA GLY B 126 -25.78 -8.80 9.19
C GLY B 126 -24.54 -8.84 10.07
N THR B 127 -23.36 -8.77 9.46
CA THR B 127 -22.10 -8.79 10.22
C THR B 127 -21.60 -7.39 10.40
N PRO B 128 -21.38 -6.96 11.64
CA PRO B 128 -20.89 -5.59 11.87
C PRO B 128 -19.40 -5.37 11.50
N PHE B 129 -19.06 -4.16 11.05
CA PHE B 129 -17.65 -3.85 10.79
C PHE B 129 -17.41 -2.50 11.44
N ASN B 130 -16.14 -2.18 11.72
CA ASN B 130 -15.78 -0.96 12.37
C ASN B 130 -14.41 -0.56 11.86
N ILE B 131 -14.26 0.66 11.37
CA ILE B 131 -12.96 1.12 10.88
C ILE B 131 -12.59 2.17 11.92
N LYS B 132 -11.66 1.82 12.80
CA LYS B 132 -11.25 2.74 13.86
C LYS B 132 -9.78 3.09 13.64
N ILE B 133 -9.37 4.25 14.12
CA ILE B 133 -7.99 4.68 13.90
C ILE B 133 -7.43 5.21 15.24
N PRO B 134 -6.10 5.40 15.35
CA PRO B 134 -5.57 5.89 16.63
C PRO B 134 -5.97 7.30 16.99
N ASP B 135 -6.03 7.60 18.29
CA ASP B 135 -6.39 8.93 18.75
C ASP B 135 -5.52 9.98 18.09
N GLY B 136 -6.11 11.12 17.78
CA GLY B 136 -5.31 12.17 17.18
C GLY B 136 -5.15 12.00 15.69
N ASN B 137 -5.94 11.10 15.10
CA ASN B 137 -5.83 10.89 13.64
C ASN B 137 -7.17 11.17 12.98
N LYS B 138 -7.15 11.33 11.67
CA LYS B 138 -8.39 11.53 10.96
C LYS B 138 -8.34 10.75 9.64
N ILE B 139 -9.51 10.32 9.20
CA ILE B 139 -9.67 9.63 7.91
C ILE B 139 -9.67 10.71 6.82
N VAL B 140 -8.85 10.51 5.77
CA VAL B 140 -8.73 11.54 4.73
C VAL B 140 -9.07 11.01 3.35
N GLY B 141 -9.50 9.76 3.31
CA GLY B 141 -9.88 9.16 2.04
C GLY B 141 -10.39 7.75 2.23
N PHE B 142 -10.91 7.13 1.17
CA PHE B 142 -11.43 5.78 1.25
C PHE B 142 -10.96 4.95 0.08
N PHE B 143 -10.96 3.62 0.21
CA PHE B 143 -10.61 2.76 -0.91
C PHE B 143 -11.46 1.49 -0.72
N GLY B 144 -11.49 0.58 -1.68
CA GLY B 144 -12.29 -0.62 -1.50
C GLY B 144 -12.41 -1.41 -2.80
N ASN B 145 -13.41 -2.26 -2.90
CA ASN B 145 -13.67 -2.96 -4.15
C ASN B 145 -15.15 -2.71 -4.47
N SER B 146 -15.51 -2.69 -5.74
CA SER B 146 -16.91 -2.53 -6.10
C SER B 146 -17.20 -3.14 -7.44
N GLY B 147 -18.49 -3.36 -7.67
CA GLY B 147 -18.97 -3.90 -8.94
C GLY B 147 -20.37 -3.32 -9.13
N TRP B 148 -21.34 -4.23 -9.14
CA TRP B 148 -22.73 -3.81 -9.20
C TRP B 148 -23.03 -3.11 -7.84
N TYR B 149 -22.34 -3.57 -6.78
CA TYR B 149 -22.53 -3.03 -5.43
C TYR B 149 -21.22 -2.59 -4.79
N VAL B 150 -21.27 -2.19 -3.51
CA VAL B 150 -20.01 -1.76 -2.85
C VAL B 150 -19.57 -2.98 -2.06
N ASP B 151 -18.56 -3.66 -2.55
CA ASP B 151 -18.12 -4.88 -1.93
C ASP B 151 -17.24 -4.79 -0.72
N ALA B 152 -16.35 -3.81 -0.71
CA ALA B 152 -15.42 -3.64 0.39
C ALA B 152 -15.03 -2.19 0.52
N ILE B 153 -14.67 -1.80 1.74
CA ILE B 153 -14.27 -0.43 1.97
C ILE B 153 -13.22 -0.36 3.08
N GLY B 154 -12.32 0.60 2.90
CA GLY B 154 -11.25 0.81 3.85
C GLY B 154 -10.98 2.30 3.87
N ALA B 155 -10.08 2.78 4.74
CA ALA B 155 -9.84 4.22 4.78
C ALA B 155 -8.37 4.58 4.82
N TYR B 156 -8.06 5.81 4.40
CA TYR B 156 -6.72 6.31 4.49
C TYR B 156 -6.80 7.20 5.72
N TYR B 157 -5.80 7.20 6.58
CA TYR B 157 -5.83 8.11 7.73
C TYR B 157 -4.49 8.74 7.99
N THR B 158 -4.48 9.84 8.74
CA THR B 158 -3.25 10.57 8.97
C THR B 158 -3.38 11.34 10.27
N ALA B 159 -2.27 11.84 10.79
CA ALA B 159 -2.32 12.54 12.06
C ALA B 159 -2.97 13.92 11.94
N LYS B 160 -3.72 14.29 12.98
CA LYS B 160 -4.45 15.57 13.11
C LYS B 160 -5.87 15.48 12.59
N MET C 7 21.45 12.75 -13.49
CA MET C 7 22.54 11.75 -13.27
C MET C 7 21.94 10.35 -13.03
N ALA C 8 20.70 10.27 -12.51
CA ALA C 8 20.06 8.95 -12.37
C ALA C 8 18.56 9.07 -12.66
N LEU C 9 18.09 8.30 -13.65
CA LEU C 9 16.68 8.30 -14.02
C LEU C 9 15.85 7.84 -12.85
N GLN C 10 14.71 8.50 -12.60
CA GLN C 10 13.84 8.02 -11.51
C GLN C 10 12.88 7.06 -12.19
N LEU C 11 13.26 5.79 -12.20
CA LEU C 11 12.46 4.74 -12.83
C LEU C 11 11.61 4.20 -11.72
N ALA C 12 10.33 4.60 -11.72
CA ALA C 12 9.44 4.20 -10.63
C ALA C 12 9.52 2.72 -10.29
N ALA C 13 9.69 2.40 -9.00
CA ALA C 13 9.79 1.01 -8.54
C ALA C 13 8.40 0.49 -8.15
N HIS C 14 8.18 -0.82 -8.30
CA HIS C 14 6.84 -1.36 -8.05
C HIS C 14 6.66 -2.04 -6.72
N SER C 15 5.38 -2.12 -6.33
CA SER C 15 4.94 -2.80 -5.10
C SER C 15 3.83 -3.73 -5.52
N ASP C 16 3.95 -4.97 -5.08
CA ASP C 16 3.00 -6.02 -5.42
C ASP C 16 1.57 -5.77 -4.91
N ALA C 17 0.62 -6.21 -5.71
CA ALA C 17 -0.81 -6.12 -5.35
C ALA C 17 -0.99 -6.84 -4.02
N ARG C 18 -2.05 -6.48 -3.29
CA ARG C 18 -2.37 -7.06 -1.98
C ARG C 18 -3.76 -7.66 -1.95
N SER C 19 -3.94 -8.71 -1.17
CA SER C 19 -5.25 -9.31 -0.95
C SER C 19 -5.44 -9.32 0.59
N GLY C 20 -6.48 -8.65 1.08
CA GLY C 20 -6.66 -8.63 2.54
C GLY C 20 -6.25 -7.29 3.12
N PRO C 21 -5.99 -7.24 4.43
CA PRO C 21 -6.06 -8.37 5.34
C PRO C 21 -7.44 -8.74 5.85
N VAL C 22 -7.55 -9.98 6.35
CA VAL C 22 -8.80 -10.45 6.94
C VAL C 22 -8.47 -10.69 8.42
N GLY C 23 -9.48 -10.64 9.29
CA GLY C 23 -9.22 -10.84 10.70
C GLY C 23 -9.55 -9.55 11.46
N SER C 24 -8.68 -9.13 12.39
CA SER C 24 -8.92 -7.97 13.20
C SER C 24 -7.72 -7.12 13.48
N ASN C 25 -7.97 -5.85 13.77
CA ASN C 25 -6.89 -4.94 14.12
C ASN C 25 -6.13 -5.47 15.33
N GLY C 26 -4.81 -5.37 15.28
CA GLY C 26 -4.00 -5.86 16.36
C GLY C 26 -2.92 -4.83 16.68
N GLY C 27 -2.04 -5.21 17.60
CA GLY C 27 -1.04 -4.29 18.09
C GLY C 27 0.00 -3.76 17.11
N GLN C 28 0.56 -4.61 16.27
CA GLN C 28 1.58 -4.15 15.33
C GLN C 28 1.25 -4.63 13.94
N PHE C 29 1.57 -3.81 12.93
CA PHE C 29 1.45 -4.22 11.54
C PHE C 29 2.75 -5.05 11.32
N TRP C 30 2.69 -6.09 10.48
CA TRP C 30 3.88 -6.89 10.14
C TRP C 30 3.81 -7.18 8.64
N SER C 31 4.98 -7.40 8.03
CA SER C 31 5.04 -7.62 6.57
C SER C 31 6.29 -8.42 6.25
N PHE C 32 6.16 -9.41 5.38
CA PHE C 32 7.27 -10.26 5.00
C PHE C 32 7.08 -10.70 3.57
N ARG C 33 7.89 -10.16 2.67
CA ARG C 33 7.79 -10.53 1.22
C ARG C 33 9.24 -10.72 0.83
N PRO C 34 9.77 -11.98 0.91
CA PRO C 34 11.17 -12.31 0.58
C PRO C 34 11.41 -12.34 -0.93
N VAL C 35 12.67 -12.21 -1.36
CA VAL C 35 12.91 -12.21 -2.78
C VAL C 35 12.97 -13.60 -3.36
N ARG C 36 13.17 -14.63 -2.53
CA ARG C 36 13.16 -16.00 -3.04
C ARG C 36 11.81 -16.58 -2.56
N PRO C 37 11.37 -17.71 -3.12
CA PRO C 37 10.09 -18.28 -2.69
C PRO C 37 10.01 -18.62 -1.21
N LEU C 38 8.80 -18.52 -0.68
CA LEU C 38 8.53 -18.87 0.71
C LEU C 38 8.62 -20.40 0.73
N ASN C 39 9.51 -21.01 1.49
CA ASN C 39 9.56 -22.46 1.45
C ASN C 39 9.16 -23.24 2.70
N LYS C 40 8.96 -22.54 3.79
CA LYS C 40 8.57 -23.24 5.03
C LYS C 40 7.76 -22.30 5.89
N ILE C 41 6.78 -22.87 6.58
CA ILE C 41 5.95 -22.13 7.50
C ILE C 41 5.80 -22.99 8.75
N VAL C 42 6.14 -22.41 9.89
CA VAL C 42 5.99 -23.09 11.16
C VAL C 42 4.84 -22.42 11.95
N LEU C 43 3.83 -23.21 12.33
CA LEU C 43 2.69 -22.72 13.07
C LEU C 43 2.93 -23.15 14.50
N SER C 44 2.90 -22.20 15.44
CA SER C 44 3.16 -22.56 16.84
C SER C 44 1.90 -22.39 17.66
N PHE C 45 1.63 -23.38 18.50
CA PHE C 45 0.38 -23.40 19.28
C PHE C 45 0.54 -23.71 20.75
N SER C 46 -0.51 -23.39 21.52
CA SER C 46 -0.56 -23.85 22.91
C SER C 46 -1.71 -24.88 22.78
N GLY C 47 -2.09 -25.52 23.88
CA GLY C 47 -3.16 -26.52 23.81
C GLY C 47 -2.58 -27.88 23.45
N SER C 48 -3.40 -28.76 22.88
CA SER C 48 -2.96 -30.10 22.52
C SER C 48 -3.61 -30.60 21.22
N PRO C 49 -2.82 -31.20 20.31
CA PRO C 49 -3.34 -31.71 19.04
C PRO C 49 -4.31 -32.82 19.32
N ASP C 50 -4.29 -33.32 20.55
CA ASP C 50 -5.19 -34.38 20.97
C ASP C 50 -6.46 -33.77 21.53
N GLN C 51 -6.50 -32.45 21.66
CA GLN C 51 -7.67 -31.74 22.20
C GLN C 51 -7.87 -30.51 21.30
N THR C 52 -7.72 -29.31 21.87
CA THR C 52 -7.83 -28.08 21.05
C THR C 52 -6.48 -27.36 20.90
N LEU C 53 -6.11 -27.01 19.68
CA LEU C 53 -4.86 -26.32 19.45
C LEU C 53 -5.12 -24.83 19.36
N ASN C 54 -4.33 -24.00 20.06
CA ASN C 54 -4.55 -22.56 19.96
C ASN C 54 -3.39 -21.90 19.21
N LEU C 55 -3.66 -21.36 18.02
CA LEU C 55 -2.60 -20.74 17.24
C LEU C 55 -2.10 -19.50 17.98
N ILE C 56 -0.79 -19.44 18.17
CA ILE C 56 -0.18 -18.33 18.87
C ILE C 56 0.73 -17.53 17.90
N SER C 57 1.56 -18.22 17.13
CA SER C 57 2.43 -17.46 16.23
C SER C 57 2.67 -18.25 14.97
N ILE C 58 3.21 -17.54 13.96
CA ILE C 58 3.53 -18.18 12.67
C ILE C 58 4.92 -17.70 12.30
N THR C 59 5.74 -18.63 11.82
CA THR C 59 7.10 -18.29 11.40
C THR C 59 7.22 -18.61 9.93
N PHE C 60 7.46 -17.58 9.12
CA PHE C 60 7.60 -17.76 7.67
C PHE C 60 9.08 -17.70 7.33
N SER C 61 9.53 -18.55 6.43
CA SER C 61 10.95 -18.49 6.07
C SER C 61 11.21 -18.82 4.62
N SER C 62 12.30 -18.30 4.10
CA SER C 62 12.71 -18.52 2.71
C SER C 62 14.22 -18.74 2.75
N ASN C 63 14.67 -19.85 2.17
CA ASN C 63 16.09 -20.19 2.16
C ASN C 63 16.88 -19.16 1.39
N PRO C 64 18.14 -18.93 1.79
CA PRO C 64 18.82 -19.57 2.91
C PRO C 64 18.57 -19.13 4.35
N THR C 65 18.41 -17.82 4.60
CA THR C 65 18.27 -17.34 6.00
C THR C 65 17.14 -16.33 6.31
N ASP C 66 16.26 -16.04 5.35
CA ASP C 66 15.14 -15.12 5.60
C ASP C 66 14.14 -15.74 6.56
N ILE C 67 13.68 -14.97 7.54
CA ILE C 67 12.75 -15.53 8.48
C ILE C 67 12.04 -14.46 9.30
N ILE C 68 10.79 -14.74 9.66
CA ILE C 68 10.06 -13.80 10.48
C ILE C 68 9.03 -14.54 11.34
N THR C 69 8.81 -14.06 12.56
CA THR C 69 7.78 -14.68 13.40
C THR C 69 6.84 -13.56 13.83
N VAL C 70 5.55 -13.81 13.67
CA VAL C 70 4.55 -12.82 14.02
C VAL C 70 3.63 -13.52 15.00
N GLY C 71 3.17 -12.76 16.00
CA GLY C 71 2.40 -13.33 17.11
C GLY C 71 3.41 -13.89 18.16
N GLY C 72 2.93 -14.39 19.30
CA GLY C 72 3.83 -15.01 20.27
C GLY C 72 4.65 -14.11 21.18
N VAL C 73 4.33 -12.82 21.29
CA VAL C 73 5.13 -11.95 22.14
C VAL C 73 4.66 -11.97 23.58
N GLY C 74 3.57 -12.68 23.81
CA GLY C 74 3.00 -12.84 25.14
C GLY C 74 3.73 -13.93 25.93
N PRO C 75 3.34 -14.15 27.18
CA PRO C 75 3.98 -15.17 28.03
C PRO C 75 3.56 -16.60 27.91
N GLU C 76 2.48 -16.85 27.17
CA GLU C 76 2.01 -18.20 27.10
C GLU C 76 2.97 -19.17 26.42
N PRO C 77 3.31 -20.29 27.09
CA PRO C 77 4.24 -21.26 26.50
C PRO C 77 3.65 -22.03 25.34
N LEU C 78 4.49 -22.32 24.36
CA LEU C 78 4.05 -23.08 23.20
C LEU C 78 4.13 -24.55 23.55
N THR C 79 3.18 -25.31 23.07
CA THR C 79 3.19 -26.73 23.40
C THR C 79 3.20 -27.60 22.14
N TYR C 80 3.03 -27.01 20.97
CA TYR C 80 2.98 -27.85 19.79
C TYR C 80 3.30 -27.01 18.57
N THR C 81 4.04 -27.57 17.62
CA THR C 81 4.26 -26.84 16.39
C THR C 81 3.96 -27.73 15.20
N GLU C 82 3.51 -27.09 14.13
CA GLU C 82 3.24 -27.75 12.87
C GLU C 82 4.22 -27.12 11.87
N THR C 83 5.03 -27.97 11.25
CA THR C 83 5.99 -27.48 10.27
C THR C 83 5.47 -27.82 8.85
N VAL C 84 5.29 -26.78 8.04
CA VAL C 84 4.81 -26.99 6.69
C VAL C 84 5.93 -26.71 5.69
N ASN C 85 6.34 -27.70 4.92
CA ASN C 85 7.38 -27.50 3.91
C ASN C 85 6.65 -27.30 2.59
N ILE C 86 6.71 -26.07 2.10
CA ILE C 86 5.99 -25.67 0.90
C ILE C 86 6.54 -26.22 -0.39
N ASP C 87 5.70 -26.95 -1.12
CA ASP C 87 6.14 -27.46 -2.42
C ASP C 87 5.24 -26.79 -3.45
N GLY C 88 5.85 -26.00 -4.33
CA GLY C 88 5.15 -25.23 -5.36
C GLY C 88 4.78 -23.78 -4.99
N ASP C 89 4.07 -23.08 -5.86
CA ASP C 89 3.70 -21.71 -5.57
C ASP C 89 2.42 -21.71 -4.71
N ILE C 90 2.36 -20.87 -3.69
CA ILE C 90 1.16 -20.77 -2.89
C ILE C 90 0.15 -19.96 -3.73
N ILE C 91 -1.09 -20.44 -3.86
CA ILE C 91 -2.07 -19.71 -4.65
C ILE C 91 -3.33 -19.36 -3.87
N GLU C 92 -3.51 -19.95 -2.69
CA GLU C 92 -4.68 -19.69 -1.89
C GLU C 92 -4.49 -19.97 -0.41
N ILE C 93 -5.18 -19.22 0.43
CA ILE C 93 -5.10 -19.44 1.87
C ILE C 93 -6.51 -19.34 2.40
N SER C 94 -6.79 -20.13 3.42
CA SER C 94 -8.14 -20.05 4.01
C SER C 94 -8.02 -20.43 5.45
N GLY C 95 -9.10 -20.29 6.20
CA GLY C 95 -9.04 -20.65 7.61
C GLY C 95 -10.26 -20.17 8.39
N MET C 96 -10.09 -19.99 9.70
CA MET C 96 -11.18 -19.57 10.58
C MET C 96 -10.65 -18.54 11.54
N ILE C 97 -11.55 -17.63 11.91
CA ILE C 97 -11.29 -16.56 12.86
C ILE C 97 -12.25 -16.76 14.04
N ALA C 98 -11.74 -16.70 15.25
CA ALA C 98 -12.61 -16.86 16.41
C ALA C 98 -11.93 -16.27 17.62
N ASN C 99 -12.66 -16.22 18.73
CA ASN C 99 -12.12 -15.66 19.95
C ASN C 99 -11.09 -16.53 20.62
N TYR C 100 -10.07 -15.90 21.18
CA TYR C 100 -9.09 -16.62 21.99
C TYR C 100 -8.61 -15.66 23.06
N LYS C 101 -8.95 -15.99 24.30
CA LYS C 101 -8.52 -15.20 25.42
C LYS C 101 -8.72 -13.69 25.24
N GLY C 102 -9.92 -13.35 24.80
CA GLY C 102 -10.30 -11.96 24.65
C GLY C 102 -10.12 -11.30 23.31
N TYR C 103 -9.50 -12.01 22.38
CA TYR C 103 -9.25 -11.41 21.07
C TYR C 103 -9.70 -12.30 19.93
N ASN C 104 -10.23 -11.68 18.87
CA ASN C 104 -10.63 -12.48 17.70
C ASN C 104 -9.36 -12.60 16.94
N VAL C 105 -8.95 -13.84 16.70
CA VAL C 105 -7.71 -14.11 16.03
C VAL C 105 -7.81 -15.17 14.96
N ILE C 106 -6.74 -15.26 14.18
CA ILE C 106 -6.67 -16.32 13.17
C ILE C 106 -6.54 -17.60 14.01
N ARG C 107 -7.50 -18.51 13.86
CA ARG C 107 -7.49 -19.72 14.66
C ARG C 107 -7.11 -20.99 13.90
N SER C 108 -7.24 -20.98 12.58
CA SER C 108 -6.84 -22.12 11.78
C SER C 108 -6.44 -21.57 10.44
N ILE C 109 -5.56 -22.28 9.77
CA ILE C 109 -5.11 -21.82 8.47
C ILE C 109 -4.76 -22.99 7.57
N LYS C 110 -5.12 -22.86 6.30
CA LYS C 110 -4.85 -23.88 5.28
C LYS C 110 -4.14 -23.21 4.09
N PHE C 111 -3.04 -23.81 3.65
CA PHE C 111 -2.26 -23.25 2.53
C PHE C 111 -2.46 -24.17 1.33
N THR C 112 -2.79 -23.58 0.19
CA THR C 112 -2.97 -24.37 -1.03
C THR C 112 -1.98 -23.88 -2.05
N THR C 113 -1.22 -24.81 -2.63
CA THR C 113 -0.25 -24.47 -3.68
C THR C 113 -0.72 -25.17 -4.93
N ASN C 114 0.01 -24.95 -6.03
CA ASN C 114 -0.32 -25.60 -7.27
C ASN C 114 0.03 -27.10 -7.20
N LYS C 115 0.70 -27.53 -6.14
CA LYS C 115 1.05 -28.96 -6.02
C LYS C 115 0.33 -29.70 -4.91
N LYS C 116 0.14 -29.05 -3.76
CA LYS C 116 -0.49 -29.73 -2.64
C LYS C 116 -1.32 -28.77 -1.80
N GLU C 117 -2.06 -29.35 -0.86
CA GLU C 117 -2.86 -28.60 0.10
C GLU C 117 -2.27 -28.94 1.46
N TYR C 118 -2.21 -27.96 2.35
CA TYR C 118 -1.65 -28.16 3.67
C TYR C 118 -2.63 -27.60 4.69
N GLY C 119 -3.22 -28.46 5.51
CA GLY C 119 -4.13 -27.94 6.51
C GLY C 119 -5.56 -28.38 6.29
N PRO C 120 -6.52 -27.77 6.99
CA PRO C 120 -6.41 -26.68 7.96
C PRO C 120 -5.65 -27.08 9.22
N TYR C 121 -4.84 -26.18 9.77
CA TYR C 121 -4.13 -26.51 11.02
C TYR C 121 -4.69 -25.61 12.13
N GLY C 122 -5.00 -26.16 13.29
CA GLY C 122 -5.50 -25.32 14.37
C GLY C 122 -6.89 -25.70 14.82
N ALA C 123 -7.67 -24.73 15.26
CA ALA C 123 -9.04 -25.00 15.72
C ALA C 123 -9.96 -24.50 14.62
N ASN C 124 -10.42 -25.45 13.80
CA ASN C 124 -11.24 -25.13 12.63
C ASN C 124 -12.69 -24.93 12.95
N ALA C 125 -12.94 -23.83 13.65
CA ALA C 125 -14.27 -23.45 14.06
C ALA C 125 -14.28 -21.93 14.15
N GLY C 126 -15.37 -21.32 13.73
CA GLY C 126 -15.41 -19.87 13.77
C GLY C 126 -15.96 -19.24 12.50
N THR C 127 -15.41 -18.09 12.11
CA THR C 127 -15.86 -17.37 10.91
C THR C 127 -14.84 -17.65 9.82
N PRO C 128 -15.28 -18.17 8.66
CA PRO C 128 -14.30 -18.47 7.59
C PRO C 128 -13.69 -17.28 6.84
N PHE C 129 -12.43 -17.42 6.44
CA PHE C 129 -11.81 -16.39 5.60
C PHE C 129 -11.17 -17.15 4.43
N ASN C 130 -10.96 -16.46 3.32
CA ASN C 130 -10.38 -17.09 2.13
C ASN C 130 -9.63 -16.00 1.40
N ILE C 131 -8.34 -16.23 1.12
CA ILE C 131 -7.54 -15.27 0.35
C ILE C 131 -7.33 -15.98 -0.99
N LYS C 132 -7.98 -15.47 -2.02
CA LYS C 132 -7.90 -16.03 -3.38
C LYS C 132 -7.31 -14.98 -4.33
N ILE C 133 -6.63 -15.43 -5.39
CA ILE C 133 -6.01 -14.49 -6.32
C ILE C 133 -6.40 -14.85 -7.77
N PRO C 134 -6.18 -13.91 -8.71
CA PRO C 134 -6.55 -14.21 -10.09
C PRO C 134 -5.76 -15.38 -10.65
N ASP C 135 -6.34 -16.03 -11.62
CA ASP C 135 -5.70 -17.15 -12.27
C ASP C 135 -4.36 -16.63 -12.84
N GLY C 136 -3.33 -17.46 -12.75
CA GLY C 136 -2.04 -17.10 -13.28
C GLY C 136 -1.12 -16.33 -12.35
N ASN C 137 -1.59 -16.10 -11.12
CA ASN C 137 -0.78 -15.37 -10.13
C ASN C 137 -0.37 -16.29 -9.01
N LYS C 138 0.55 -15.81 -8.18
CA LYS C 138 1.04 -16.62 -7.06
C LYS C 138 1.27 -15.70 -5.85
N ILE C 139 1.15 -16.25 -4.66
CA ILE C 139 1.38 -15.50 -3.44
C ILE C 139 2.89 -15.51 -3.16
N VAL C 140 3.45 -14.33 -2.87
CA VAL C 140 4.89 -14.19 -2.70
C VAL C 140 5.26 -13.57 -1.34
N GLY C 141 4.26 -13.33 -0.49
CA GLY C 141 4.54 -12.76 0.82
C GLY C 141 3.25 -12.61 1.62
N PHE C 142 3.38 -12.26 2.91
CA PHE C 142 2.24 -12.07 3.77
C PHE C 142 2.42 -10.82 4.59
N PHE C 143 1.31 -10.28 5.11
CA PHE C 143 1.37 -9.10 5.96
C PHE C 143 0.14 -9.24 6.85
N GLY C 144 0.09 -8.46 7.92
CA GLY C 144 -1.10 -8.54 8.75
C GLY C 144 -0.90 -7.71 10.00
N ASN C 145 -1.64 -8.06 11.05
CA ASN C 145 -1.46 -7.41 12.33
C ASN C 145 -1.20 -8.57 13.31
N SER C 146 -0.48 -8.30 14.39
CA SER C 146 -0.24 -9.32 15.42
C SER C 146 0.12 -8.68 16.77
N GLY C 147 -0.01 -9.49 17.82
CA GLY C 147 0.33 -9.05 19.16
C GLY C 147 0.65 -10.35 19.87
N TRP C 148 -0.07 -10.69 20.93
CA TRP C 148 0.16 -11.95 21.59
C TRP C 148 -0.19 -13.10 20.64
N TYR C 149 -1.16 -12.85 19.76
CA TYR C 149 -1.62 -13.88 18.80
C TYR C 149 -1.54 -13.34 17.37
N VAL C 150 -2.04 -14.09 16.39
CA VAL C 150 -2.03 -13.59 15.01
C VAL C 150 -3.41 -13.00 14.77
N ASP C 151 -3.45 -11.67 14.71
CA ASP C 151 -4.73 -10.98 14.57
C ASP C 151 -5.30 -10.89 13.18
N ALA C 152 -4.46 -10.59 12.20
CA ALA C 152 -4.96 -10.45 10.83
C ALA C 152 -3.89 -10.88 9.87
N ILE C 153 -4.32 -11.26 8.69
CA ILE C 153 -3.37 -11.72 7.70
C ILE C 153 -3.85 -11.39 6.29
N GLY C 154 -2.90 -11.02 5.45
CA GLY C 154 -3.21 -10.72 4.06
C GLY C 154 -2.02 -11.22 3.23
N ALA C 155 -2.13 -11.17 1.92
CA ALA C 155 -1.07 -11.69 1.09
C ALA C 155 -0.59 -10.75 0.01
N TYR C 156 0.68 -10.88 -0.39
CA TYR C 156 1.17 -10.12 -1.56
C TYR C 156 1.12 -11.12 -2.73
N TYR C 157 0.70 -10.65 -3.92
CA TYR C 157 0.65 -11.56 -5.06
C TYR C 157 1.14 -10.93 -6.36
N THR C 158 1.57 -11.74 -7.31
CA THR C 158 2.12 -11.19 -8.54
C THR C 158 1.96 -12.26 -9.65
N ALA C 159 2.14 -11.88 -10.92
CA ALA C 159 2.01 -12.88 -12.00
C ALA C 159 3.10 -13.96 -11.90
N LYS C 160 2.77 -15.19 -12.30
CA LYS C 160 3.73 -16.27 -12.26
C LYS C 160 4.82 -16.10 -13.33
N MET D 7 -19.98 -14.37 12.55
CA MET D 7 -20.21 -13.59 13.81
C MET D 7 -19.15 -12.51 13.99
N ALA D 8 -17.88 -12.94 13.94
CA ALA D 8 -16.73 -12.05 14.12
C ALA D 8 -16.86 -10.61 13.61
N LEU D 9 -16.73 -9.65 14.54
CA LEU D 9 -16.77 -8.23 14.18
C LEU D 9 -15.60 -7.98 13.22
N GLN D 10 -15.83 -7.32 12.09
CA GLN D 10 -14.71 -7.02 11.19
C GLN D 10 -14.11 -5.70 11.65
N LEU D 11 -13.10 -5.82 12.53
CA LEU D 11 -12.42 -4.66 13.08
C LEU D 11 -11.29 -4.48 12.10
N ALA D 12 -11.46 -3.50 11.21
CA ALA D 12 -10.49 -3.25 10.15
C ALA D 12 -9.08 -3.21 10.69
N ALA D 13 -8.18 -3.97 10.08
CA ALA D 13 -6.80 -4.00 10.51
C ALA D 13 -6.01 -2.95 9.74
N HIS D 14 -5.02 -2.37 10.40
CA HIS D 14 -4.21 -1.29 9.83
C HIS D 14 -2.88 -1.67 9.16
N SER D 15 -2.42 -0.82 8.23
CA SER D 15 -1.17 -1.03 7.51
C SER D 15 -0.44 0.29 7.67
N ASP D 16 0.83 0.24 8.10
CA ASP D 16 1.57 1.48 8.34
C ASP D 16 1.76 2.36 7.11
N ALA D 17 1.93 3.64 7.37
CA ALA D 17 2.20 4.61 6.31
C ALA D 17 3.53 4.19 5.66
N ARG D 18 3.71 4.62 4.41
CA ARG D 18 4.93 4.30 3.66
C ARG D 18 5.64 5.57 3.23
N SER D 19 6.96 5.50 3.04
CA SER D 19 7.71 6.65 2.52
C SER D 19 8.61 6.04 1.45
N GLY D 20 8.47 6.53 0.22
CA GLY D 20 9.27 6.00 -0.87
C GLY D 20 8.43 5.08 -1.75
N PRO D 21 9.06 4.19 -2.52
CA PRO D 21 10.52 3.98 -2.56
C PRO D 21 11.28 4.96 -3.40
N VAL D 22 12.57 5.07 -3.14
CA VAL D 22 13.44 5.91 -3.96
C VAL D 22 14.33 4.87 -4.64
N GLY D 23 14.95 5.25 -5.75
CA GLY D 23 15.84 4.34 -6.48
C GLY D 23 15.28 4.02 -7.85
N SER D 24 15.33 2.73 -8.21
CA SER D 24 14.87 2.26 -9.50
C SER D 24 14.11 0.98 -9.44
N ASN D 25 13.24 0.76 -10.43
CA ASN D 25 12.48 -0.50 -10.48
C ASN D 25 13.46 -1.65 -10.54
N GLY D 26 13.13 -2.76 -9.91
CA GLY D 26 14.02 -3.90 -9.91
C GLY D 26 13.23 -5.17 -10.13
N GLY D 27 13.95 -6.28 -10.10
CA GLY D 27 13.33 -7.56 -10.37
C GLY D 27 12.19 -7.98 -9.48
N GLN D 28 12.38 -7.83 -8.16
CA GLN D 28 11.39 -8.26 -7.23
C GLN D 28 11.11 -7.26 -6.18
N PHE D 29 9.85 -7.23 -5.76
CA PHE D 29 9.40 -6.34 -4.67
C PHE D 29 9.82 -7.11 -3.42
N TRP D 30 10.25 -6.42 -2.37
CA TRP D 30 10.57 -7.06 -1.10
C TRP D 30 10.00 -6.18 0.02
N SER D 31 9.70 -6.79 1.16
CA SER D 31 9.15 -6.02 2.26
C SER D 31 9.50 -6.71 3.58
N PHE D 32 9.86 -5.92 4.59
CA PHE D 32 10.22 -6.47 5.89
C PHE D 32 9.82 -5.45 6.98
N ARG D 33 8.77 -5.79 7.74
CA ARG D 33 8.31 -4.94 8.85
C ARG D 33 8.07 -5.94 9.97
N PRO D 34 9.10 -6.15 10.83
CA PRO D 34 8.98 -7.09 11.96
C PRO D 34 8.22 -6.46 13.14
N VAL D 35 7.69 -7.28 14.03
CA VAL D 35 6.92 -6.72 15.16
C VAL D 35 7.80 -6.19 16.29
N ARG D 36 9.08 -6.55 16.29
CA ARG D 36 10.03 -6.04 17.29
C ARG D 36 10.87 -4.98 16.55
N PRO D 37 11.48 -4.03 17.29
CA PRO D 37 12.29 -2.97 16.69
C PRO D 37 13.45 -3.52 15.85
N LEU D 38 13.76 -2.85 14.76
CA LEU D 38 14.87 -3.27 13.92
C LEU D 38 16.09 -2.85 14.68
N ASN D 39 17.06 -3.73 14.87
CA ASN D 39 18.19 -3.31 15.62
C ASN D 39 19.52 -3.77 15.04
N LYS D 40 19.50 -4.30 13.82
CA LYS D 40 20.70 -4.75 13.16
C LYS D 40 20.58 -4.70 11.64
N ILE D 41 21.60 -4.13 10.99
CA ILE D 41 21.59 -4.03 9.54
C ILE D 41 23.01 -4.39 9.06
N VAL D 42 23.09 -5.33 8.14
CA VAL D 42 24.40 -5.71 7.62
C VAL D 42 24.41 -5.31 6.14
N LEU D 43 25.44 -4.56 5.74
CA LEU D 43 25.56 -4.13 4.35
C LEU D 43 26.70 -4.93 3.77
N SER D 44 26.44 -5.61 2.66
CA SER D 44 27.44 -6.47 2.02
C SER D 44 27.83 -5.89 0.67
N PHE D 45 29.15 -5.83 0.45
CA PHE D 45 29.72 -5.22 -0.72
C PHE D 45 30.72 -6.08 -1.47
N SER D 46 30.99 -5.67 -2.71
CA SER D 46 32.12 -6.23 -3.42
C SER D 46 33.03 -5.00 -3.49
N GLY D 47 34.19 -5.12 -4.10
CA GLY D 47 35.08 -3.98 -4.18
C GLY D 47 36.05 -3.94 -2.99
N SER D 48 36.58 -2.76 -2.72
CA SER D 48 37.56 -2.53 -1.66
C SER D 48 37.24 -1.27 -0.88
N PRO D 49 37.24 -1.35 0.45
CA PRO D 49 36.94 -0.20 1.31
C PRO D 49 37.85 0.98 0.96
N ASP D 50 39.06 0.69 0.50
CA ASP D 50 39.99 1.75 0.11
C ASP D 50 39.64 2.37 -1.28
N GLN D 51 39.30 1.53 -2.25
CA GLN D 51 38.96 1.97 -3.60
C GLN D 51 37.45 2.36 -3.63
N THR D 52 36.63 1.50 -4.22
CA THR D 52 35.22 1.79 -4.20
C THR D 52 34.47 0.51 -3.82
N LEU D 53 33.51 0.66 -2.91
CA LEU D 53 32.67 -0.44 -2.44
C LEU D 53 31.44 -0.47 -3.30
N ASN D 54 31.00 -1.68 -3.64
CA ASN D 54 29.80 -1.84 -4.46
C ASN D 54 28.76 -2.54 -3.59
N LEU D 55 27.77 -1.79 -3.14
CA LEU D 55 26.69 -2.37 -2.35
C LEU D 55 25.97 -3.47 -3.18
N ILE D 56 26.02 -4.70 -2.67
CA ILE D 56 25.40 -5.83 -3.35
C ILE D 56 24.09 -6.21 -2.60
N SER D 57 24.15 -6.34 -1.28
CA SER D 57 22.92 -6.72 -0.59
C SER D 57 22.84 -6.08 0.78
N ILE D 58 21.64 -6.13 1.36
CA ILE D 58 21.44 -5.60 2.71
C ILE D 58 20.64 -6.65 3.45
N THR D 59 21.06 -6.91 4.70
CA THR D 59 20.37 -7.85 5.58
C THR D 59 19.79 -7.01 6.73
N PHE D 60 18.47 -7.03 6.89
CA PHE D 60 17.85 -6.24 7.97
C PHE D 60 17.37 -7.26 9.01
N SER D 61 17.54 -6.98 10.30
CA SER D 61 17.04 -7.91 11.25
C SER D 61 16.49 -7.34 12.55
N SER D 62 15.62 -8.14 13.17
CA SER D 62 15.09 -7.85 14.51
C SER D 62 15.76 -8.99 15.19
N ASN D 63 17.03 -8.77 15.46
CA ASN D 63 17.92 -9.73 16.08
C ASN D 63 17.29 -10.16 17.42
N PRO D 64 17.22 -11.48 17.67
CA PRO D 64 17.69 -12.54 16.76
C PRO D 64 16.58 -13.33 16.02
N THR D 65 15.33 -12.88 16.08
CA THR D 65 14.25 -13.66 15.47
C THR D 65 13.78 -13.37 14.06
N ASP D 66 14.00 -12.14 13.58
CA ASP D 66 13.49 -11.78 12.25
C ASP D 66 14.65 -11.26 11.39
N ILE D 67 14.72 -11.78 10.18
CA ILE D 67 15.83 -11.44 9.27
C ILE D 67 15.44 -11.52 7.79
N ILE D 68 15.94 -10.61 6.98
CA ILE D 68 15.68 -10.72 5.55
C ILE D 68 16.94 -10.22 4.85
N THR D 69 17.26 -10.79 3.69
CA THR D 69 18.38 -10.31 2.89
C THR D 69 17.83 -10.01 1.50
N VAL D 70 18.08 -8.79 1.02
CA VAL D 70 17.58 -8.34 -0.28
C VAL D 70 18.77 -7.93 -1.11
N GLY D 71 18.72 -8.25 -2.41
CA GLY D 71 19.85 -8.03 -3.31
C GLY D 71 20.75 -9.28 -3.15
N GLY D 72 21.85 -9.37 -3.91
CA GLY D 72 22.79 -10.47 -3.74
C GLY D 72 22.44 -11.82 -4.32
N VAL D 73 21.41 -11.90 -5.16
CA VAL D 73 21.07 -13.20 -5.70
C VAL D 73 21.92 -13.53 -6.92
N GLY D 74 22.75 -12.57 -7.36
CA GLY D 74 23.61 -12.82 -8.52
C GLY D 74 24.91 -13.54 -8.15
N PRO D 75 25.77 -13.76 -9.15
CA PRO D 75 27.05 -14.45 -9.01
C PRO D 75 28.22 -13.70 -8.41
N GLU D 76 28.15 -12.39 -8.32
CA GLU D 76 29.32 -11.68 -7.81
C GLU D 76 29.63 -11.97 -6.34
N PRO D 77 30.89 -12.34 -6.02
CA PRO D 77 31.23 -12.63 -4.61
C PRO D 77 31.39 -11.37 -3.73
N LEU D 78 30.99 -11.48 -2.48
CA LEU D 78 31.10 -10.39 -1.54
C LEU D 78 32.53 -10.36 -1.02
N THR D 79 33.02 -9.16 -0.75
CA THR D 79 34.37 -9.01 -0.27
C THR D 79 34.48 -8.28 1.06
N TYR D 80 33.39 -7.62 1.49
CA TYR D 80 33.44 -6.80 2.69
C TYR D 80 32.03 -6.55 3.24
N THR D 81 31.85 -6.57 4.56
CA THR D 81 30.54 -6.29 5.14
C THR D 81 30.63 -5.23 6.26
N GLU D 82 29.59 -4.42 6.42
CA GLU D 82 29.53 -3.41 7.48
C GLU D 82 28.35 -3.87 8.36
N THR D 83 28.60 -4.07 9.64
CA THR D 83 27.53 -4.52 10.53
C THR D 83 27.13 -3.34 11.38
N VAL D 84 25.86 -3.03 11.35
CA VAL D 84 25.37 -1.86 12.08
C VAL D 84 24.41 -2.26 13.18
N ASN D 85 24.78 -1.98 14.42
CA ASN D 85 23.90 -2.31 15.55
C ASN D 85 23.21 -1.02 15.95
N ILE D 86 21.92 -0.96 15.66
CA ILE D 86 21.10 0.23 15.88
C ILE D 86 20.69 0.44 17.30
N ASP D 87 20.91 1.64 17.81
CA ASP D 87 20.47 1.95 19.16
C ASP D 87 19.35 3.00 19.00
N GLY D 88 18.15 2.66 19.47
CA GLY D 88 17.04 3.58 19.37
C GLY D 88 16.18 3.43 18.12
N ASP D 89 15.33 4.42 17.87
CA ASP D 89 14.43 4.40 16.72
C ASP D 89 15.04 5.10 15.50
N ILE D 90 14.92 4.46 14.33
CA ILE D 90 15.46 5.05 13.13
C ILE D 90 14.47 6.12 12.73
N ILE D 91 14.95 7.31 12.43
CA ILE D 91 14.03 8.38 12.07
C ILE D 91 14.33 8.91 10.71
N GLU D 92 15.46 8.54 10.15
CA GLU D 92 15.81 9.09 8.85
C GLU D 92 16.85 8.24 8.16
N ILE D 93 16.79 8.16 6.84
CA ILE D 93 17.88 7.50 6.14
C ILE D 93 18.21 8.37 4.92
N SER D 94 19.45 8.32 4.45
CA SER D 94 19.80 9.07 3.26
C SER D 94 20.91 8.26 2.59
N GLY D 95 21.30 8.65 1.38
CA GLY D 95 22.34 7.92 0.68
C GLY D 95 22.44 8.37 -0.77
N MET D 96 23.23 7.62 -1.53
CA MET D 96 23.42 7.91 -2.94
C MET D 96 22.93 6.74 -3.80
N ILE D 97 22.54 7.09 -5.04
CA ILE D 97 22.09 6.17 -6.06
C ILE D 97 22.99 6.36 -7.27
N ALA D 98 23.43 5.28 -7.91
CA ALA D 98 24.26 5.48 -9.09
C ALA D 98 24.31 4.19 -9.84
N ASN D 99 24.85 4.26 -11.04
CA ASN D 99 24.97 3.09 -11.88
C ASN D 99 26.01 2.05 -11.41
N TYR D 100 25.61 0.79 -11.46
CA TYR D 100 26.51 -0.32 -11.16
C TYR D 100 26.21 -1.43 -12.15
N LYS D 101 27.15 -1.69 -13.05
CA LYS D 101 26.99 -2.73 -14.04
C LYS D 101 25.65 -2.71 -14.75
N GLY D 102 25.26 -1.53 -15.20
CA GLY D 102 24.03 -1.40 -15.96
C GLY D 102 22.74 -1.01 -15.24
N TYR D 103 22.76 -0.93 -13.93
CA TYR D 103 21.55 -0.63 -13.16
C TYR D 103 21.78 0.52 -12.20
N ASN D 104 20.79 1.41 -12.04
CA ASN D 104 20.93 2.49 -11.07
C ASN D 104 20.45 1.90 -9.76
N VAL D 105 21.35 1.81 -8.79
CA VAL D 105 21.06 1.15 -7.52
C VAL D 105 21.47 1.96 -6.29
N ILE D 106 21.01 1.52 -5.12
CA ILE D 106 21.38 2.17 -3.88
C ILE D 106 22.87 1.80 -3.73
N ARG D 107 23.72 2.82 -3.56
CA ARG D 107 25.18 2.64 -3.43
C ARG D 107 25.75 2.99 -2.04
N SER D 108 25.04 3.82 -1.27
CA SER D 108 25.51 4.18 0.06
C SER D 108 24.29 4.47 0.90
N ILE D 109 24.43 4.35 2.22
CA ILE D 109 23.31 4.59 3.09
C ILE D 109 23.80 5.08 4.45
N LYS D 110 23.02 5.97 5.02
CA LYS D 110 23.34 6.53 6.32
C LYS D 110 22.04 6.48 7.08
N PHE D 111 22.11 5.95 8.29
CA PHE D 111 20.92 5.84 9.14
C PHE D 111 21.00 6.79 10.30
N THR D 112 19.88 7.45 10.59
CA THR D 112 19.85 8.35 11.74
C THR D 112 18.80 7.92 12.75
N THR D 113 19.20 7.73 14.02
CA THR D 113 18.23 7.39 15.06
C THR D 113 18.12 8.61 15.99
N ASN D 114 17.29 8.49 17.01
CA ASN D 114 17.14 9.60 17.92
C ASN D 114 18.35 9.67 18.82
N LYS D 115 19.25 8.69 18.71
CA LYS D 115 20.45 8.63 19.56
C LYS D 115 21.73 9.03 18.82
N LYS D 116 21.88 8.60 17.57
CA LYS D 116 23.07 8.94 16.80
C LYS D 116 22.93 8.63 15.33
N GLU D 117 24.02 8.89 14.62
CA GLU D 117 24.08 8.66 13.18
C GLU D 117 24.91 7.44 12.95
N TYR D 118 24.58 6.71 11.89
CA TYR D 118 25.35 5.52 11.50
C TYR D 118 25.65 5.69 10.03
N GLY D 119 26.93 5.78 9.73
CA GLY D 119 27.32 5.92 8.34
C GLY D 119 27.82 7.28 7.93
N PRO D 120 27.86 7.56 6.61
CA PRO D 120 27.47 6.70 5.50
C PRO D 120 28.34 5.46 5.31
N TYR D 121 27.76 4.45 4.66
CA TYR D 121 28.46 3.20 4.35
C TYR D 121 28.25 2.96 2.86
N GLY D 122 29.33 2.77 2.11
CA GLY D 122 29.18 2.54 0.69
C GLY D 122 29.94 3.55 -0.16
N ALA D 123 29.56 3.66 -1.42
CA ALA D 123 30.21 4.57 -2.37
C ALA D 123 29.55 5.92 -2.39
N ASN D 124 30.35 6.94 -2.11
CA ASN D 124 29.89 8.31 -2.07
C ASN D 124 30.01 8.99 -3.42
N ALA D 125 29.04 8.73 -4.29
CA ALA D 125 28.97 9.32 -5.61
C ALA D 125 27.61 8.91 -6.19
N GLY D 126 27.07 9.77 -7.02
CA GLY D 126 25.80 9.48 -7.65
C GLY D 126 24.84 10.62 -7.37
N THR D 127 23.58 10.27 -7.16
CA THR D 127 22.55 11.25 -6.91
C THR D 127 21.93 10.91 -5.54
N PRO D 128 21.66 11.94 -4.71
CA PRO D 128 21.11 11.65 -3.38
C PRO D 128 19.65 11.29 -3.20
N PHE D 129 19.38 10.56 -2.11
CA PHE D 129 18.00 10.22 -1.69
C PHE D 129 17.92 10.52 -0.20
N ASN D 130 16.69 10.64 0.31
CA ASN D 130 16.52 10.96 1.73
C ASN D 130 15.10 10.53 2.10
N ILE D 131 14.97 9.67 3.12
CA ILE D 131 13.66 9.26 3.62
C ILE D 131 13.53 9.99 4.98
N LYS D 132 12.56 10.90 5.08
CA LYS D 132 12.31 11.64 6.32
C LYS D 132 10.85 11.37 6.67
N ILE D 133 10.51 11.43 7.95
CA ILE D 133 9.15 11.14 8.40
C ILE D 133 8.68 12.26 9.32
N PRO D 134 7.37 12.30 9.64
CA PRO D 134 6.85 13.37 10.51
C PRO D 134 7.48 13.38 11.90
N ASP D 135 7.49 14.53 12.56
CA ASP D 135 8.05 14.55 13.92
C ASP D 135 7.30 13.53 14.77
N GLY D 136 8.00 12.91 15.74
CA GLY D 136 7.38 11.98 16.63
C GLY D 136 7.03 10.61 16.05
N ASN D 137 7.58 10.31 14.90
CA ASN D 137 7.33 9.01 14.28
C ASN D 137 8.63 8.22 14.29
N LYS D 138 8.56 6.94 13.94
CA LYS D 138 9.75 6.12 13.89
C LYS D 138 9.58 5.19 12.70
N ILE D 139 10.73 4.76 12.14
CA ILE D 139 10.71 3.81 11.05
C ILE D 139 10.67 2.44 11.69
N VAL D 140 9.75 1.60 11.22
CA VAL D 140 9.55 0.30 11.79
C VAL D 140 9.73 -0.84 10.77
N GLY D 141 10.10 -0.50 9.54
CA GLY D 141 10.33 -1.52 8.55
C GLY D 141 10.83 -0.93 7.24
N PHE D 142 11.22 -1.78 6.29
CA PHE D 142 11.66 -1.32 5.00
C PHE D 142 11.05 -2.16 3.86
N PHE D 143 10.95 -1.57 2.68
CA PHE D 143 10.47 -2.30 1.52
C PHE D 143 11.24 -1.72 0.32
N GLY D 144 11.15 -2.39 -0.85
CA GLY D 144 11.87 -1.87 -2.02
C GLY D 144 11.84 -2.83 -3.21
N ASN D 145 12.82 -2.70 -4.11
CA ASN D 145 12.91 -3.64 -5.22
C ASN D 145 14.37 -4.09 -5.18
N SER D 146 14.63 -5.32 -5.61
CA SER D 146 16.04 -5.74 -5.65
C SER D 146 16.22 -6.87 -6.65
N GLY D 147 17.48 -7.21 -6.94
CA GLY D 147 17.72 -8.30 -7.87
C GLY D 147 19.15 -8.68 -7.50
N TRP D 148 20.09 -8.49 -8.41
CA TRP D 148 21.46 -8.80 -8.09
C TRP D 148 21.93 -7.78 -7.05
N TYR D 149 21.36 -6.57 -7.13
CA TYR D 149 21.72 -5.49 -6.17
C TYR D 149 20.43 -4.94 -5.51
N VAL D 150 20.55 -3.86 -4.72
CA VAL D 150 19.39 -3.26 -4.05
C VAL D 150 19.03 -2.08 -4.92
N ASP D 151 17.94 -2.25 -5.66
CA ASP D 151 17.50 -1.23 -6.62
C ASP D 151 16.69 -0.09 -6.05
N ALA D 152 15.83 -0.40 -5.08
CA ALA D 152 15.01 0.68 -4.54
C ALA D 152 14.72 0.41 -3.07
N ILE D 153 14.47 1.47 -2.30
CA ILE D 153 14.18 1.25 -0.91
C ILE D 153 13.22 2.32 -0.43
N GLY D 154 12.34 1.91 0.48
CA GLY D 154 11.34 2.78 1.08
C GLY D 154 11.16 2.30 2.53
N ALA D 155 10.40 3.04 3.32
CA ALA D 155 10.23 2.65 4.72
C ALA D 155 8.77 2.67 5.16
N TYR D 156 8.52 1.94 6.24
CA TYR D 156 7.23 1.92 6.89
C TYR D 156 7.46 2.74 8.17
N TYR D 157 6.51 3.60 8.50
CA TYR D 157 6.67 4.40 9.71
C TYR D 157 5.37 4.52 10.46
N THR D 158 5.51 4.83 11.74
CA THR D 158 4.33 4.95 12.57
C THR D 158 4.67 5.85 13.73
N ALA D 159 3.65 6.25 14.46
CA ALA D 159 3.88 7.15 15.58
C ALA D 159 4.58 6.54 16.77
N LYS D 160 5.47 7.35 17.37
CA LYS D 160 6.16 7.00 18.59
C LYS D 160 7.55 6.48 18.38
C1 AMG E . 3.17 23.58 0.01
C2 AMG E . 3.33 22.32 0.89
C3 AMG E . 4.64 21.61 0.60
C4 AMG E . 4.74 21.23 -0.88
C5 AMG E . 4.57 22.57 -1.72
C6 AMG E . 4.71 22.28 -3.21
C7 AMG E . 4.07 25.76 -0.40
O1 AMG E . 4.23 24.55 0.37
O2 AMG E . 3.32 22.69 2.28
O3 AMG E . 4.73 20.42 1.42
O4 AMG E . 3.68 20.26 -1.19
O5 AMG E . 3.26 23.20 -1.40
O6 AMG E . 3.64 21.52 -3.74
C1 AMG F . -20.00 -7.78 -10.25
C2 AMG F . -18.51 -8.04 -10.04
C3 AMG F . -18.26 -8.82 -8.76
C4 AMG F . -18.78 -7.99 -7.59
C5 AMG F . -20.32 -7.79 -7.83
C6 AMG F . -20.97 -7.04 -6.63
C7 AMG F . -22.09 -8.86 -10.71
O1 AMG F . -20.69 -9.08 -10.43
O2 AMG F . -18.05 -8.77 -11.16
O3 AMG F . -16.86 -9.04 -8.61
O4 AMG F . -18.09 -6.72 -7.62
O5 AMG F . -20.55 -7.07 -9.09
O6 AMG F . -20.68 -5.69 -6.56
C1 AMG G . -1.92 -7.78 22.51
C2 AMG G . -2.10 -6.51 21.65
C3 AMG G . -3.51 -6.49 21.00
C4 AMG G . -3.70 -7.75 20.13
C5 AMG G . -3.52 -9.00 21.09
C6 AMG G . -3.75 -10.32 20.34
C7 AMG G . -2.61 -9.00 24.41
O1 AMG G . -2.84 -7.78 23.64
O2 AMG G . -1.95 -5.36 22.49
O3 AMG G . -3.63 -5.30 20.18
O4 AMG G . -2.67 -7.74 19.09
O5 AMG G . -2.13 -8.97 21.71
O6 AMG G . -2.74 -10.65 19.40
C1 AMG H . 18.66 -8.30 -12.11
C2 AMG H . 17.15 -7.99 -12.26
C3 AMG H . 16.96 -6.50 -12.57
C4 AMG H . 17.57 -5.64 -11.43
C5 AMG H . 19.09 -6.01 -11.39
C6 AMG H . 19.84 -5.16 -10.33
C7 AMG H . 20.73 -8.45 -13.24
O1 AMG H . 19.35 -8.09 -13.36
O2 AMG H . 16.61 -8.80 -13.34
O3 AMG H . 15.57 -6.24 -12.67
O4 AMG H . 16.92 -6.01 -10.20
O5 AMG H . 19.24 -7.45 -11.09
O6 AMG H . 19.55 -5.44 -8.98
#